data_4F4P
#
_entry.id   4F4P
#
_cell.length_a   39.501
_cell.length_b   84.227
_cell.length_c   89.819
_cell.angle_alpha   90.000
_cell.angle_beta   90.000
_cell.angle_gamma   90.000
#
_symmetry.space_group_name_H-M   'P 21 21 21'
#
loop_
_entity.id
_entity.type
_entity.pdbx_description
1 polymer 'Tyrosine-protein kinase SYK'
2 non-polymer N-{6-[3-(piperazin-1-yl)phenyl]pyridin-2-yl}-4-(trifluoromethyl)pyridin-2-amine
3 non-polymer 'SULFATE ION'
4 water water
#
_entity_poly.entity_id   1
_entity_poly.type   'polypeptide(L)'
_entity_poly.pdbx_seq_one_letter_code
;LDRKLLTLEDKELGSGNFGTVKKGYYQMKKVVKTVAVKILKNEANDPALKDELLAEANVMQQLDNPYIVRMIGICEAESW
MLVMEMAELGPLNKYLQQNRHVKDKNIIELVHQVSMGMKYLEESNFVHRDLAARNVLLVTQHYAKISDFGLSKALRADEN
YYKAQTHGKWPVKWYAPECINYYKFSSKSDVWSFGVLMWEAFSYGQKPYRGMKGSEVTAMLEKGERMGCPAGCPREMYDL
MNLCWTYDVENRPGFAAVELRLRNYYYDVVNEG
;
_entity_poly.pdbx_strand_id   A
#
loop_
_chem_comp.id
_chem_comp.type
_chem_comp.name
_chem_comp.formula
0SB non-polymer N-{6-[3-(piperazin-1-yl)phenyl]pyridin-2-yl}-4-(trifluoromethyl)pyridin-2-amine 'C21 H20 F3 N5'
SO4 non-polymer 'SULFATE ION' 'O4 S -2'
#
# COMPACT_ATOMS: atom_id res chain seq x y z
N LEU A 1 -20.53 14.62 4.14
CA LEU A 1 -21.52 13.57 4.50
C LEU A 1 -22.40 14.04 5.64
N ASP A 2 -23.50 13.32 5.84
CA ASP A 2 -24.53 13.66 6.82
C ASP A 2 -24.38 12.78 8.06
N ARG A 3 -23.80 13.32 9.13
CA ARG A 3 -23.53 12.53 10.35
C ARG A 3 -24.74 11.66 10.69
N LYS A 4 -25.92 12.28 10.78
CA LYS A 4 -27.16 11.58 11.17
C LYS A 4 -27.34 10.18 10.52
N LEU A 5 -26.78 9.98 9.32
CA LEU A 5 -26.79 8.69 8.64
C LEU A 5 -25.70 7.72 9.10
N LEU A 6 -24.74 8.22 9.88
CA LEU A 6 -23.58 7.42 10.30
C LEU A 6 -23.73 6.95 11.74
N THR A 7 -23.21 5.75 12.03
CA THR A 7 -23.30 5.15 13.35
C THR A 7 -21.95 4.54 13.78
N LEU A 8 -21.30 5.15 14.77
CA LEU A 8 -20.01 4.66 15.30
C LEU A 8 -20.17 3.55 16.34
N GLU A 9 -19.20 2.65 16.39
CA GLU A 9 -19.09 1.62 17.44
C GLU A 9 -17.95 1.99 18.39
N ASP A 10 -18.17 1.75 19.68
CA ASP A 10 -17.21 2.12 20.73
C ASP A 10 -15.79 1.64 20.48
N LYS A 11 -15.66 0.35 20.13
CA LYS A 11 -14.34 -0.23 19.87
C LYS A 11 -13.69 0.34 18.62
N GLU A 12 -12.50 0.92 18.82
CA GLU A 12 -11.62 1.30 17.73
C GLU A 12 -10.89 0.06 17.20
N LEU A 13 -10.68 0.03 15.88
CA LEU A 13 -9.95 -1.07 15.23
C LEU A 13 -8.44 -0.90 15.45
N GLY A 14 -7.96 0.32 15.21
CA GLY A 14 -6.58 0.70 15.53
C GLY A 14 -6.53 2.10 16.10
N SER A 15 -5.48 2.38 16.87
CA SER A 15 -5.27 3.71 17.45
C SER A 15 -3.81 4.14 17.32
N GLY A 16 -3.48 5.30 17.90
CA GLY A 16 -2.10 5.79 17.93
C GLY A 16 -1.99 7.29 18.13
N ASN A 17 -0.76 7.79 18.08
CA ASN A 17 -0.51 9.23 18.24
C ASN A 17 -1.11 10.07 17.11
N PHE A 18 -1.46 9.41 16.00
CA PHE A 18 -2.11 10.05 14.86
C PHE A 18 -3.61 10.21 15.09
N GLY A 19 -4.31 9.09 15.21
CA GLY A 19 -5.78 9.08 15.32
C GLY A 19 -6.32 7.71 15.66
N THR A 20 -7.39 7.30 14.96
CA THR A 20 -8.03 6.01 15.22
C THR A 20 -9.03 5.62 14.12
N VAL A 21 -9.30 4.32 14.00
CA VAL A 21 -10.19 3.77 12.97
C VAL A 21 -11.34 2.99 13.62
N LYS A 22 -12.57 3.21 13.15
CA LYS A 22 -13.75 2.52 13.71
C LYS A 22 -14.69 2.00 12.61
N LYS A 23 -15.62 1.13 13.00
CA LYS A 23 -16.57 0.50 12.07
C LYS A 23 -17.93 1.21 12.11
N GLY A 24 -18.57 1.35 10.95
CA GLY A 24 -19.85 2.09 10.83
C GLY A 24 -20.80 1.65 9.73
N TYR A 25 -21.85 2.45 9.50
CA TYR A 25 -22.93 2.09 8.57
C TYR A 25 -23.45 3.27 7.74
N VAL A 32 -28.32 -0.34 2.91
CA VAL A 32 -27.40 0.19 3.93
C VAL A 32 -26.01 -0.39 3.72
N LYS A 33 -24.98 0.43 3.95
CA LYS A 33 -23.60 0.05 3.64
C LYS A 33 -22.62 0.19 4.82
N THR A 34 -21.86 -0.88 5.06
CA THR A 34 -20.84 -0.93 6.11
C THR A 34 -19.59 -0.17 5.68
N VAL A 35 -19.03 0.63 6.58
CA VAL A 35 -17.91 1.50 6.27
C VAL A 35 -16.85 1.55 7.38
N ALA A 36 -15.66 2.01 7.01
CA ALA A 36 -14.56 2.24 7.96
C ALA A 36 -14.33 3.74 8.09
N VAL A 37 -13.95 4.19 9.29
CA VAL A 37 -13.84 5.63 9.60
C VAL A 37 -12.50 5.97 10.26
N LYS A 38 -11.71 6.82 9.62
CA LYS A 38 -10.49 7.36 10.22
C LYS A 38 -10.82 8.68 10.93
N ILE A 39 -10.32 8.83 12.15
CA ILE A 39 -10.77 9.90 13.08
C ILE A 39 -9.59 10.64 13.70
N LEU A 40 -9.58 11.96 13.59
CA LEU A 40 -8.55 12.79 14.22
C LEU A 40 -8.60 12.76 15.74
N LYS A 41 -7.44 12.98 16.37
CA LYS A 41 -7.35 13.08 17.83
C LYS A 41 -6.75 14.43 18.24
N PRO A 47 -3.70 21.09 13.27
CA PRO A 47 -3.98 22.26 12.45
C PRO A 47 -3.99 21.94 10.95
N ALA A 48 -3.08 21.06 10.53
CA ALA A 48 -3.03 20.59 9.14
C ALA A 48 -3.10 19.07 9.03
N LEU A 49 -3.43 18.40 10.13
CA LEU A 49 -3.75 16.97 10.10
C LEU A 49 -5.10 16.79 9.42
N LYS A 50 -5.94 17.82 9.49
CA LYS A 50 -7.19 17.91 8.72
C LYS A 50 -6.88 18.08 7.23
N ASP A 51 -5.95 18.98 6.91
CA ASP A 51 -5.53 19.21 5.53
C ASP A 51 -5.04 17.91 4.89
N GLU A 52 -4.23 17.16 5.62
CA GLU A 52 -3.74 15.85 5.18
C GLU A 52 -4.91 14.90 4.88
N LEU A 53 -5.90 14.93 5.77
CA LEU A 53 -7.08 14.09 5.64
C LEU A 53 -7.96 14.56 4.47
N LEU A 54 -8.13 15.87 4.34
CA LEU A 54 -8.81 16.45 3.17
C LEU A 54 -8.03 16.17 1.89
N ALA A 55 -6.69 16.24 1.98
CA ALA A 55 -5.82 15.94 0.83
C ALA A 55 -5.96 14.48 0.44
N GLU A 56 -5.98 13.62 1.45
CA GLU A 56 -6.20 12.19 1.26
C GLU A 56 -7.58 11.93 0.68
N ALA A 57 -8.59 12.62 1.23
CA ALA A 57 -9.94 12.56 0.71
C ALA A 57 -10.00 13.04 -0.74
N ASN A 58 -9.29 14.13 -1.05
CA ASN A 58 -9.23 14.63 -2.42
C ASN A 58 -8.66 13.63 -3.41
N VAL A 59 -7.62 12.92 -2.98
CA VAL A 59 -6.99 11.91 -3.81
C VAL A 59 -7.95 10.76 -4.07
N MET A 60 -8.53 10.22 -2.99
CA MET A 60 -9.38 9.03 -3.07
C MET A 60 -10.62 9.24 -3.91
N GLN A 61 -11.14 10.47 -3.87
CA GLN A 61 -12.27 10.88 -4.70
C GLN A 61 -12.02 10.69 -6.21
N GLN A 62 -10.77 10.84 -6.62
CA GLN A 62 -10.41 10.71 -8.03
C GLN A 62 -10.19 9.26 -8.46
N LEU A 63 -10.10 8.33 -7.50
CA LEU A 63 -9.74 6.93 -7.79
C LEU A 63 -10.94 5.98 -7.88
N ASP A 64 -11.12 5.41 -9.06
CA ASP A 64 -12.18 4.43 -9.34
C ASP A 64 -11.53 3.11 -9.79
N ASN A 65 -11.38 2.16 -8.87
CA ASN A 65 -10.79 0.86 -9.19
C ASN A 65 -11.18 -0.22 -8.16
N PRO A 66 -11.38 -1.49 -8.61
CA PRO A 66 -11.76 -2.53 -7.66
C PRO A 66 -10.71 -2.82 -6.60
N TYR A 67 -9.45 -2.49 -6.88
CA TYR A 67 -8.34 -2.83 -6.02
C TYR A 67 -7.80 -1.64 -5.25
N ILE A 68 -8.64 -0.62 -5.11
CA ILE A 68 -8.33 0.54 -4.30
C ILE A 68 -9.54 0.80 -3.41
N VAL A 69 -9.31 1.04 -2.12
CA VAL A 69 -10.40 1.34 -1.20
C VAL A 69 -11.15 2.57 -1.71
N ARG A 70 -12.45 2.41 -1.88
CA ARG A 70 -13.31 3.48 -2.39
C ARG A 70 -13.81 4.34 -1.24
N MET A 71 -13.64 5.65 -1.37
CA MET A 71 -14.13 6.63 -0.40
C MET A 71 -15.62 6.85 -0.59
N ILE A 72 -16.36 6.88 0.51
CA ILE A 72 -17.77 7.27 0.52
C ILE A 72 -17.84 8.79 0.61
N GLY A 73 -17.08 9.34 1.55
CA GLY A 73 -16.96 10.77 1.71
C GLY A 73 -16.34 11.16 3.04
N ILE A 74 -16.36 12.45 3.31
CA ILE A 74 -15.84 13.01 4.55
C ILE A 74 -17.00 13.56 5.37
N CYS A 75 -16.83 13.56 6.70
CA CYS A 75 -17.87 13.99 7.61
C CYS A 75 -17.27 14.87 8.70
N GLU A 76 -18.05 15.83 9.17
CA GLU A 76 -17.59 16.78 10.19
C GLU A 76 -18.56 16.80 11.38
N ALA A 77 -18.03 16.46 12.56
CA ALA A 77 -18.78 16.48 13.82
C ALA A 77 -17.80 16.75 14.97
N GLU A 78 -17.84 15.93 16.03
CA GLU A 78 -16.90 16.08 17.15
C GLU A 78 -15.47 15.82 16.73
N SER A 79 -15.30 15.05 15.65
CA SER A 79 -14.00 14.85 15.01
C SER A 79 -14.15 14.95 13.49
N TRP A 80 -13.04 15.21 12.81
CA TRP A 80 -12.98 15.09 11.36
C TRP A 80 -12.88 13.60 11.01
N MET A 81 -13.77 13.14 10.13
CA MET A 81 -13.93 11.72 9.83
C MET A 81 -13.88 11.43 8.34
N LEU A 82 -13.02 10.48 7.94
CA LEU A 82 -12.99 10.01 6.57
C LEU A 82 -13.67 8.66 6.50
N VAL A 83 -14.70 8.57 5.67
CA VAL A 83 -15.55 7.40 5.57
C VAL A 83 -15.33 6.72 4.22
N MET A 84 -15.02 5.43 4.27
CA MET A 84 -14.75 4.62 3.07
C MET A 84 -15.46 3.29 3.21
N GLU A 85 -15.58 2.57 2.09
N GLU A 85 -15.58 2.57 2.10
CA GLU A 85 -16.05 1.17 2.10
CA GLU A 85 -16.07 1.20 2.11
C GLU A 85 -15.25 0.34 3.10
C GLU A 85 -15.26 0.34 3.08
N MET A 86 -15.90 -0.65 3.69
CA MET A 86 -15.24 -1.54 4.65
C MET A 86 -14.49 -2.65 3.93
N ALA A 87 -13.27 -2.93 4.38
CA ALA A 87 -12.57 -4.18 4.07
C ALA A 87 -12.49 -4.98 5.38
N GLU A 88 -13.40 -5.93 5.52
CA GLU A 88 -13.68 -6.57 6.79
C GLU A 88 -12.50 -7.29 7.46
N LEU A 89 -11.63 -7.91 6.67
CA LEU A 89 -10.54 -8.75 7.23
C LEU A 89 -9.32 -7.93 7.62
N GLY A 90 -9.27 -6.67 7.19
CA GLY A 90 -8.26 -5.76 7.68
C GLY A 90 -6.91 -5.89 7.02
N PRO A 91 -5.87 -5.31 7.66
CA PRO A 91 -4.54 -5.20 7.08
C PRO A 91 -3.94 -6.56 6.68
N LEU A 92 -3.40 -6.61 5.48
CA LEU A 92 -2.87 -7.83 4.91
C LEU A 92 -1.80 -8.42 5.80
N ASN A 93 -0.93 -7.57 6.32
CA ASN A 93 0.21 -8.04 7.10
C ASN A 93 -0.28 -8.82 8.34
N LYS A 94 -1.23 -8.27 9.09
CA LYS A 94 -1.79 -8.93 10.27
C LYS A 94 -2.54 -10.19 9.89
N TYR A 95 -3.32 -10.11 8.82
CA TYR A 95 -4.12 -11.24 8.40
C TYR A 95 -3.20 -12.46 8.24
N LEU A 96 -2.16 -12.28 7.44
CA LEU A 96 -1.19 -13.33 7.15
C LEU A 96 -0.47 -13.83 8.38
N GLN A 97 -0.16 -12.92 9.31
CA GLN A 97 0.45 -13.29 10.58
C GLN A 97 -0.46 -14.26 11.32
N GLN A 98 -1.76 -13.96 11.32
CA GLN A 98 -2.77 -14.78 11.99
C GLN A 98 -3.15 -16.06 11.23
N ASN A 99 -2.87 -16.11 9.92
CA ASN A 99 -3.23 -17.24 9.06
C ASN A 99 -2.02 -17.72 8.24
N ARG A 100 -1.09 -18.42 8.88
CA ARG A 100 0.19 -18.75 8.25
C ARG A 100 0.15 -19.97 7.29
N HIS A 101 -1.03 -20.53 7.10
CA HIS A 101 -1.23 -21.66 6.19
C HIS A 101 -1.96 -21.25 4.91
N VAL A 102 -2.15 -19.94 4.73
CA VAL A 102 -2.64 -19.38 3.46
C VAL A 102 -1.76 -19.92 2.32
N LYS A 103 -2.40 -20.39 1.26
CA LYS A 103 -1.68 -21.06 0.17
C LYS A 103 -0.88 -20.04 -0.62
N ASP A 104 0.22 -20.50 -1.22
CA ASP A 104 1.07 -19.60 -1.99
C ASP A 104 0.37 -19.04 -3.23
N LYS A 105 -0.50 -19.83 -3.83
CA LYS A 105 -1.36 -19.39 -4.92
C LYS A 105 -2.20 -18.18 -4.50
N ASN A 106 -2.74 -18.24 -3.29
CA ASN A 106 -3.56 -17.17 -2.71
C ASN A 106 -2.76 -15.89 -2.43
N ILE A 107 -1.48 -16.03 -2.09
CA ILE A 107 -0.63 -14.85 -1.92
C ILE A 107 -0.31 -14.23 -3.26
N ILE A 108 -0.03 -15.06 -4.26
CA ILE A 108 0.20 -14.56 -5.63
C ILE A 108 -1.06 -13.80 -6.09
N GLU A 109 -2.22 -14.41 -5.84
CA GLU A 109 -3.49 -13.78 -6.12
C GLU A 109 -3.56 -12.40 -5.49
N LEU A 110 -3.28 -12.33 -4.19
CA LEU A 110 -3.39 -11.05 -3.46
C LEU A 110 -2.44 -9.96 -3.97
N VAL A 111 -1.16 -10.29 -4.15
CA VAL A 111 -0.18 -9.28 -4.62
C VAL A 111 -0.44 -8.83 -6.06
N HIS A 112 -0.85 -9.78 -6.89
CA HIS A 112 -1.27 -9.46 -8.25
C HIS A 112 -2.39 -8.42 -8.24
N GLN A 113 -3.34 -8.57 -7.31
CA GLN A 113 -4.45 -7.62 -7.18
C GLN A 113 -3.93 -6.23 -6.80
N VAL A 114 -2.99 -6.18 -5.86
CA VAL A 114 -2.34 -4.92 -5.52
C VAL A 114 -1.68 -4.30 -6.77
N SER A 115 -1.00 -5.11 -7.59
CA SER A 115 -0.35 -4.62 -8.82
C SER A 115 -1.32 -4.12 -9.88
N MET A 116 -2.52 -4.71 -9.95
CA MET A 116 -3.58 -4.19 -10.81
C MET A 116 -4.05 -2.82 -10.30
N GLY A 117 -4.27 -2.72 -8.98
CA GLY A 117 -4.53 -1.45 -8.31
C GLY A 117 -3.44 -0.41 -8.54
N MET A 118 -2.18 -0.84 -8.47
CA MET A 118 -1.04 0.06 -8.66
C MET A 118 -0.79 0.45 -10.11
N LYS A 119 -1.16 -0.41 -11.04
CA LYS A 119 -1.12 -0.08 -12.46
C LYS A 119 -2.16 0.98 -12.81
N TYR A 120 -3.30 0.91 -12.15
CA TYR A 120 -4.34 1.93 -12.30
C TYR A 120 -3.88 3.29 -11.78
N LEU A 121 -3.23 3.28 -10.62
CA LEU A 121 -2.73 4.49 -10.00
C LEU A 121 -1.61 5.10 -10.84
N GLU A 122 -0.73 4.24 -11.34
CA GLU A 122 0.31 4.65 -12.27
C GLU A 122 -0.33 5.29 -13.49
N GLU A 123 -1.24 4.56 -14.14
CA GLU A 123 -2.01 5.06 -15.28
C GLU A 123 -2.72 6.37 -14.98
N SER A 124 -3.20 6.52 -13.75
CA SER A 124 -3.86 7.76 -13.33
C SER A 124 -2.87 8.84 -12.90
N ASN A 125 -1.57 8.53 -12.96
CA ASN A 125 -0.49 9.47 -12.61
C ASN A 125 -0.60 9.97 -11.17
N PHE A 126 -0.88 9.03 -10.27
CA PHE A 126 -0.79 9.24 -8.83
C PHE A 126 0.36 8.40 -8.32
N VAL A 127 1.07 8.92 -7.32
CA VAL A 127 2.03 8.11 -6.60
C VAL A 127 1.50 7.91 -5.18
N HIS A 128 1.63 6.68 -4.69
CA HIS A 128 1.09 6.30 -3.41
C HIS A 128 1.96 6.82 -2.26
N ARG A 129 3.25 6.52 -2.34
CA ARG A 129 4.25 6.93 -1.35
C ARG A 129 4.15 6.23 0.02
N ASP A 130 3.31 5.21 0.14
CA ASP A 130 3.21 4.45 1.39
C ASP A 130 2.78 3.01 1.12
N LEU A 131 3.27 2.44 0.03
CA LEU A 131 2.81 1.12 -0.36
C LEU A 131 3.51 0.15 0.57
N ALA A 132 2.73 -0.42 1.49
CA ALA A 132 3.22 -1.42 2.43
C ALA A 132 2.15 -2.49 2.62
N ALA A 133 2.55 -3.67 3.11
CA ALA A 133 1.55 -4.71 3.43
C ALA A 133 0.52 -4.21 4.45
N ARG A 134 0.96 -3.42 5.42
CA ARG A 134 0.05 -2.83 6.41
C ARG A 134 -1.05 -1.97 5.77
N ASN A 135 -0.77 -1.39 4.60
CA ASN A 135 -1.72 -0.55 3.87
C ASN A 135 -2.53 -1.25 2.79
N VAL A 136 -2.51 -2.58 2.79
CA VAL A 136 -3.38 -3.38 1.93
C VAL A 136 -4.41 -4.03 2.81
N LEU A 137 -5.68 -3.87 2.45
CA LEU A 137 -6.75 -4.38 3.28
C LEU A 137 -7.44 -5.51 2.53
N LEU A 138 -7.99 -6.45 3.28
CA LEU A 138 -8.61 -7.63 2.69
C LEU A 138 -10.11 -7.55 2.83
N VAL A 139 -10.79 -7.62 1.70
CA VAL A 139 -12.24 -7.71 1.68
C VAL A 139 -12.61 -9.16 1.99
N THR A 140 -12.01 -10.08 1.24
CA THR A 140 -12.10 -11.52 1.53
C THR A 140 -10.68 -12.03 1.63
N GLN A 141 -10.51 -13.33 1.80
CA GLN A 141 -9.20 -13.95 1.71
C GLN A 141 -8.66 -13.79 0.30
N HIS A 142 -9.56 -13.57 -0.67
CA HIS A 142 -9.22 -13.60 -2.09
C HIS A 142 -9.47 -12.27 -2.80
N TYR A 143 -9.63 -11.21 -2.01
CA TYR A 143 -9.86 -9.87 -2.55
C TYR A 143 -9.15 -8.81 -1.70
N ALA A 144 -8.09 -8.23 -2.27
CA ALA A 144 -7.28 -7.18 -1.61
C ALA A 144 -7.52 -5.81 -2.22
N LYS A 145 -7.50 -4.77 -1.38
CA LYS A 145 -7.55 -3.38 -1.83
C LYS A 145 -6.41 -2.54 -1.23
N ILE A 146 -5.95 -1.57 -2.01
CA ILE A 146 -4.95 -0.61 -1.58
C ILE A 146 -5.62 0.51 -0.77
N SER A 147 -5.02 0.79 0.39
N SER A 147 -5.05 0.78 0.40
CA SER A 147 -5.51 1.77 1.34
CA SER A 147 -5.54 1.82 1.30
C SER A 147 -4.42 2.80 1.60
C SER A 147 -4.42 2.81 1.59
N ASP A 148 -4.74 3.79 2.44
CA ASP A 148 -3.77 4.75 2.94
C ASP A 148 -3.13 5.62 1.88
N PHE A 149 -3.86 6.67 1.47
CA PHE A 149 -3.38 7.59 0.45
C PHE A 149 -3.00 8.92 1.09
N GLY A 150 -2.64 8.87 2.38
CA GLY A 150 -2.31 10.07 3.15
C GLY A 150 -1.06 10.78 2.68
N LEU A 151 -0.11 10.02 2.17
CA LEU A 151 1.14 10.53 1.58
C LEU A 151 1.10 10.70 0.06
N SER A 152 -0.04 10.40 -0.55
N SER A 152 -0.04 10.38 -0.56
CA SER A 152 -0.12 10.28 -2.01
CA SER A 152 -0.11 10.29 -2.01
C SER A 152 -0.24 11.64 -2.69
C SER A 152 -0.21 11.66 -2.66
N LYS A 153 0.30 11.74 -3.89
CA LYS A 153 0.34 12.99 -4.63
C LYS A 153 -0.05 12.75 -6.08
N ALA A 154 -0.79 13.71 -6.63
CA ALA A 154 -1.05 13.72 -8.05
C ALA A 154 0.19 14.32 -8.68
N LEU A 155 0.70 13.67 -9.72
CA LEU A 155 1.81 14.22 -10.48
C LEU A 155 1.33 15.36 -11.34
N ARG A 156 2.07 16.47 -11.30
CA ARG A 156 1.79 17.58 -12.18
C ARG A 156 1.92 17.11 -13.62
N ALA A 157 1.15 17.74 -14.50
CA ALA A 157 1.23 17.44 -15.93
C ALA A 157 2.67 17.57 -16.45
N ASP A 158 3.42 18.53 -15.91
CA ASP A 158 4.79 18.82 -16.36
C ASP A 158 5.89 18.07 -15.59
N GLU A 159 5.55 17.06 -14.80
CA GLU A 159 6.54 16.35 -13.99
C GLU A 159 6.34 14.83 -14.01
N ASN A 160 7.46 14.10 -13.96
CA ASN A 160 7.47 12.65 -13.99
C ASN A 160 7.54 12.04 -12.59
N TYR A 161 7.83 12.89 -11.61
CA TYR A 161 7.99 12.49 -10.23
C TYR A 161 7.47 13.58 -9.31
N TYR A 162 7.28 13.25 -8.04
CA TYR A 162 6.93 14.25 -7.04
C TYR A 162 8.15 14.50 -6.17
N LYS A 163 8.51 15.78 -6.05
CA LYS A 163 9.67 16.17 -5.28
C LYS A 163 9.22 16.58 -3.88
N ALA A 164 9.50 15.73 -2.90
CA ALA A 164 9.22 16.08 -1.51
C ALA A 164 10.15 17.22 -1.11
N GLN A 165 9.58 18.28 -0.55
CA GLN A 165 10.34 19.47 -0.22
C GLN A 165 10.90 19.43 1.19
N THR A 166 10.58 18.36 1.91
CA THR A 166 11.12 18.14 3.25
C THR A 166 11.07 16.65 3.58
N HIS A 167 11.92 16.23 4.50
CA HIS A 167 11.88 14.86 5.00
C HIS A 167 10.77 14.74 6.03
N GLY A 168 9.68 14.07 5.66
CA GLY A 168 8.61 13.76 6.60
C GLY A 168 8.99 12.53 7.40
N LYS A 169 8.06 12.03 8.21
CA LYS A 169 8.24 10.73 8.86
C LYS A 169 8.06 9.67 7.78
N TRP A 170 9.16 9.17 7.25
CA TRP A 170 9.11 8.32 6.06
C TRP A 170 9.34 6.84 6.39
N PRO A 171 8.49 5.96 5.81
CA PRO A 171 8.70 4.52 5.93
C PRO A 171 9.87 4.10 5.04
N VAL A 172 11.08 4.37 5.52
CA VAL A 172 12.32 4.21 4.75
C VAL A 172 12.52 2.79 4.20
N LYS A 173 12.12 1.79 4.97
CA LYS A 173 12.29 0.40 4.59
C LYS A 173 11.47 0.02 3.37
N TRP A 174 10.54 0.89 2.99
CA TRP A 174 9.71 0.70 1.81
C TRP A 174 10.13 1.56 0.62
N TYR A 175 11.09 2.44 0.88
CA TYR A 175 11.40 3.55 -0.01
C TYR A 175 12.63 3.24 -0.86
N ALA A 176 12.57 3.67 -2.12
CA ALA A 176 13.62 3.40 -3.08
C ALA A 176 14.80 4.34 -2.82
N PRO A 177 15.97 4.02 -3.39
CA PRO A 177 17.13 4.93 -3.22
C PRO A 177 16.88 6.38 -3.64
N GLU A 178 16.14 6.61 -4.73
CA GLU A 178 15.94 7.99 -5.22
C GLU A 178 15.10 8.82 -4.25
N CYS A 179 14.23 8.16 -3.51
CA CYS A 179 13.41 8.80 -2.49
C CYS A 179 14.28 9.28 -1.35
N ILE A 180 15.09 8.36 -0.82
CA ILE A 180 16.04 8.66 0.24
C ILE A 180 17.11 9.66 -0.20
N ASN A 181 17.64 9.48 -1.41
CA ASN A 181 18.76 10.29 -1.90
C ASN A 181 18.33 11.61 -2.53
N TYR A 182 17.26 11.60 -3.32
CA TYR A 182 16.81 12.81 -4.07
C TYR A 182 15.41 13.32 -3.71
N TYR A 183 14.69 12.63 -2.82
CA TYR A 183 13.32 13.02 -2.44
C TYR A 183 12.40 12.97 -3.65
N LYS A 184 12.74 12.11 -4.60
CA LYS A 184 12.03 12.02 -5.85
C LYS A 184 11.12 10.81 -5.81
N PHE A 185 9.83 11.08 -5.90
CA PHE A 185 8.83 10.05 -5.77
C PHE A 185 8.08 9.88 -7.06
N SER A 186 8.24 8.71 -7.66
CA SER A 186 7.51 8.37 -8.89
C SER A 186 6.78 7.05 -8.73
N SER A 187 6.03 6.67 -9.74
CA SER A 187 5.38 5.36 -9.78
C SER A 187 6.40 4.23 -9.66
N LYS A 188 7.58 4.44 -10.24
CA LYS A 188 8.67 3.49 -10.09
C LYS A 188 9.19 3.42 -8.64
N SER A 189 9.08 4.49 -7.87
CA SER A 189 9.38 4.40 -6.43
C SER A 189 8.37 3.48 -5.73
N ASP A 190 7.11 3.55 -6.14
CA ASP A 190 6.05 2.70 -5.62
C ASP A 190 6.30 1.23 -6.01
N VAL A 191 6.88 1.03 -7.18
CA VAL A 191 7.25 -0.31 -7.62
C VAL A 191 8.28 -0.93 -6.67
N TRP A 192 9.30 -0.16 -6.32
CA TRP A 192 10.24 -0.58 -5.28
C TRP A 192 9.48 -1.05 -4.05
N SER A 193 8.54 -0.24 -3.59
CA SER A 193 7.75 -0.57 -2.40
C SER A 193 6.93 -1.83 -2.60
N PHE A 194 6.40 -1.99 -3.81
CA PHE A 194 5.67 -3.21 -4.15
C PHE A 194 6.54 -4.47 -3.90
N GLY A 195 7.84 -4.37 -4.15
CA GLY A 195 8.77 -5.47 -3.90
C GLY A 195 8.89 -5.82 -2.43
N VAL A 196 9.07 -4.79 -1.60
CA VAL A 196 9.04 -4.95 -0.15
C VAL A 196 7.70 -5.49 0.32
N LEU A 197 6.61 -4.98 -0.26
CA LEU A 197 5.28 -5.49 -0.01
C LEU A 197 5.16 -6.95 -0.45
N MET A 198 5.69 -7.27 -1.62
CA MET A 198 5.75 -8.66 -2.11
C MET A 198 6.46 -9.54 -1.09
N TRP A 199 7.66 -9.11 -0.68
CA TRP A 199 8.46 -9.83 0.32
C TRP A 199 7.67 -10.05 1.60
N GLU A 200 6.95 -9.02 2.03
CA GLU A 200 6.15 -9.07 3.25
C GLU A 200 5.03 -10.11 3.15
N ALA A 201 4.35 -10.10 2.01
CA ALA A 201 3.23 -10.99 1.79
C ALA A 201 3.70 -12.45 1.80
N PHE A 202 4.76 -12.72 1.06
CA PHE A 202 5.33 -14.09 1.03
C PHE A 202 6.04 -14.47 2.31
N SER A 203 6.30 -13.50 3.18
CA SER A 203 6.87 -13.77 4.51
C SER A 203 5.78 -13.74 5.57
N TYR A 204 4.52 -13.86 5.14
CA TYR A 204 3.37 -13.94 6.03
C TYR A 204 3.29 -12.80 7.06
N GLY A 205 3.59 -11.59 6.61
CA GLY A 205 3.46 -10.39 7.42
C GLY A 205 4.64 -10.11 8.33
N GLN A 206 5.81 -10.65 7.99
CA GLN A 206 7.04 -10.29 8.65
C GLN A 206 7.43 -8.87 8.26
N LYS A 207 7.94 -8.12 9.23
CA LYS A 207 8.51 -6.79 8.99
C LYS A 207 9.78 -6.94 8.16
N PRO A 208 9.93 -6.12 7.11
CA PRO A 208 11.15 -6.20 6.31
C PRO A 208 12.37 -5.64 7.06
N TYR A 209 13.56 -6.12 6.71
CA TYR A 209 14.80 -5.65 7.33
C TYR A 209 14.72 -5.67 8.84
N ARG A 210 14.22 -6.76 9.40
CA ARG A 210 14.06 -6.83 10.85
C ARG A 210 15.42 -6.60 11.52
N GLY A 211 15.38 -5.91 12.66
CA GLY A 211 16.56 -5.67 13.47
C GLY A 211 17.47 -4.57 12.96
N MET A 212 17.04 -3.84 11.95
CA MET A 212 17.87 -2.83 11.31
C MET A 212 17.24 -1.45 11.39
N LYS A 213 18.05 -0.44 11.67
CA LYS A 213 17.64 0.95 11.57
C LYS A 213 17.57 1.34 10.09
N GLY A 214 16.77 2.35 9.79
CA GLY A 214 16.58 2.79 8.41
C GLY A 214 17.89 3.12 7.71
N SER A 215 18.79 3.79 8.42
CA SER A 215 20.10 4.15 7.88
C SER A 215 20.92 2.91 7.53
N GLU A 216 20.74 1.85 8.32
CA GLU A 216 21.41 0.56 8.08
C GLU A 216 20.87 -0.15 6.85
N VAL A 217 19.58 0.03 6.58
CA VAL A 217 18.94 -0.48 5.36
C VAL A 217 19.52 0.18 4.11
N THR A 218 19.70 1.49 4.15
CA THR A 218 20.30 2.24 3.04
C THR A 218 21.71 1.72 2.74
N ALA A 219 22.47 1.48 3.79
CA ALA A 219 23.85 0.98 3.67
C ALA A 219 23.90 -0.43 3.10
N MET A 220 22.95 -1.26 3.51
CA MET A 220 22.74 -2.59 2.93
C MET A 220 22.49 -2.53 1.41
N LEU A 221 21.50 -1.72 1.04
CA LEU A 221 21.04 -1.64 -0.35
C LEU A 221 22.08 -1.04 -1.28
N GLU A 222 22.85 -0.09 -0.76
CA GLU A 222 23.94 0.54 -1.50
C GLU A 222 25.04 -0.46 -1.86
N LYS A 223 25.42 -1.30 -0.90
CA LYS A 223 26.31 -2.47 -1.14
C LYS A 223 25.74 -3.42 -2.21
N GLY A 224 24.41 -3.42 -2.36
CA GLY A 224 23.73 -4.30 -3.31
C GLY A 224 23.09 -5.48 -2.62
N GLU A 225 22.96 -5.39 -1.29
CA GLU A 225 22.41 -6.48 -0.50
C GLU A 225 20.89 -6.37 -0.44
N ARG A 226 20.22 -7.49 -0.64
CA ARG A 226 18.76 -7.51 -0.67
C ARG A 226 18.25 -8.51 0.36
N MET A 227 17.04 -8.27 0.84
CA MET A 227 16.35 -9.25 1.68
C MET A 227 16.24 -10.55 0.90
N GLY A 228 16.38 -11.68 1.59
CA GLY A 228 16.43 -12.98 0.95
C GLY A 228 15.08 -13.57 0.59
N CYS A 229 15.11 -14.70 -0.12
CA CYS A 229 13.90 -15.38 -0.58
C CYS A 229 13.10 -15.93 0.61
N PRO A 230 11.84 -15.48 0.76
CA PRO A 230 11.02 -16.05 1.81
C PRO A 230 10.77 -17.55 1.66
N ALA A 231 10.79 -18.26 2.77
CA ALA A 231 10.54 -19.70 2.78
C ALA A 231 9.31 -20.03 1.95
N GLY A 232 9.49 -20.82 0.91
CA GLY A 232 8.37 -21.30 0.09
C GLY A 232 7.90 -20.33 -0.98
N CYS A 233 8.59 -19.20 -1.10
CA CYS A 233 8.31 -18.25 -2.16
C CYS A 233 8.90 -18.79 -3.46
N PRO A 234 8.07 -18.99 -4.49
CA PRO A 234 8.59 -19.42 -5.78
C PRO A 234 9.66 -18.46 -6.29
N ARG A 235 10.67 -19.00 -6.95
CA ARG A 235 11.87 -18.23 -7.26
C ARG A 235 11.53 -17.07 -8.21
N GLU A 236 10.58 -17.30 -9.11
CA GLU A 236 10.16 -16.28 -10.09
C GLU A 236 9.47 -15.10 -9.44
N MET A 237 8.85 -15.34 -8.28
CA MET A 237 8.29 -14.26 -7.47
C MET A 237 9.37 -13.54 -6.68
N TYR A 238 10.44 -14.24 -6.30
CA TYR A 238 11.60 -13.58 -5.67
C TYR A 238 12.40 -12.81 -6.70
N ASP A 239 12.47 -13.34 -7.92
CA ASP A 239 13.10 -12.64 -9.03
C ASP A 239 12.40 -11.32 -9.25
N LEU A 240 11.07 -11.35 -9.22
CA LEU A 240 10.25 -10.18 -9.46
C LEU A 240 10.44 -9.10 -8.38
N MET A 241 10.58 -9.54 -7.13
CA MET A 241 10.92 -8.66 -6.02
C MET A 241 12.23 -7.92 -6.26
N ASN A 242 13.24 -8.67 -6.70
CA ASN A 242 14.57 -8.13 -6.95
C ASN A 242 14.57 -7.18 -8.13
N LEU A 243 13.74 -7.49 -9.12
CA LEU A 243 13.55 -6.60 -10.26
C LEU A 243 12.89 -5.31 -9.81
N CYS A 244 11.94 -5.40 -8.88
CA CYS A 244 11.33 -4.20 -8.27
C CYS A 244 12.37 -3.40 -7.51
N TRP A 245 13.35 -4.12 -6.95
CA TRP A 245 14.48 -3.50 -6.24
C TRP A 245 15.66 -3.20 -7.16
N THR A 246 15.39 -2.72 -8.37
CA THR A 246 16.44 -2.17 -9.20
C THR A 246 16.87 -0.87 -8.57
N TYR A 247 18.17 -0.73 -8.27
CA TYR A 247 18.66 0.46 -7.57
C TYR A 247 18.38 1.68 -8.40
N ASP A 248 18.86 1.66 -9.64
CA ASP A 248 18.70 2.76 -10.57
C ASP A 248 17.27 2.75 -11.13
N VAL A 249 16.54 3.83 -10.88
CA VAL A 249 15.12 3.93 -11.23
C VAL A 249 14.83 3.87 -12.74
N GLU A 250 15.82 4.21 -13.56
CA GLU A 250 15.68 4.15 -15.01
C GLU A 250 15.42 2.72 -15.49
N ASN A 251 16.20 1.78 -14.95
CA ASN A 251 16.16 0.37 -15.34
C ASN A 251 15.06 -0.42 -14.64
N ARG A 252 14.36 0.23 -13.72
CA ARG A 252 13.31 -0.42 -12.95
C ARG A 252 12.01 -0.46 -13.74
N PRO A 253 11.27 -1.59 -13.64
CA PRO A 253 10.00 -1.68 -14.32
C PRO A 253 8.92 -0.83 -13.65
N GLY A 254 7.92 -0.44 -14.43
CA GLY A 254 6.70 0.14 -13.88
C GLY A 254 5.70 -0.98 -13.69
N PHE A 255 4.54 -0.64 -13.14
CA PHE A 255 3.51 -1.63 -12.86
C PHE A 255 2.88 -2.32 -14.09
N ALA A 256 3.00 -1.72 -15.27
CA ALA A 256 2.56 -2.41 -16.48
C ALA A 256 3.34 -3.71 -16.58
N ALA A 257 4.67 -3.59 -16.65
CA ALA A 257 5.55 -4.75 -16.64
C ALA A 257 5.34 -5.65 -15.42
N VAL A 258 5.31 -5.06 -14.22
CA VAL A 258 5.16 -5.81 -12.96
C VAL A 258 3.85 -6.60 -12.89
N GLU A 259 2.76 -5.97 -13.29
CA GLU A 259 1.44 -6.59 -13.23
C GLU A 259 1.30 -7.72 -14.28
N LEU A 260 1.96 -7.55 -15.42
CA LEU A 260 1.91 -8.55 -16.49
C LEU A 260 2.72 -9.77 -16.09
N ARG A 261 3.81 -9.54 -15.37
CA ARG A 261 4.63 -10.63 -14.82
C ARG A 261 3.78 -11.46 -13.88
N LEU A 262 3.18 -10.78 -12.90
CA LEU A 262 2.26 -11.42 -11.94
C LEU A 262 1.03 -12.03 -12.58
N ARG A 263 0.44 -11.33 -13.54
CA ARG A 263 -0.78 -11.79 -14.19
C ARG A 263 -0.54 -13.17 -14.78
N ASN A 264 0.52 -13.27 -15.58
CA ASN A 264 0.90 -14.51 -16.26
C ASN A 264 1.25 -15.63 -15.29
N TYR A 265 2.04 -15.29 -14.28
CA TYR A 265 2.46 -16.29 -13.31
C TYR A 265 1.25 -16.85 -12.55
N TYR A 266 0.37 -15.97 -12.11
CA TYR A 266 -0.82 -16.40 -11.37
C TYR A 266 -1.68 -17.36 -12.19
N TYR A 267 -1.76 -17.14 -13.50
CA TYR A 267 -2.48 -18.05 -14.39
C TYR A 267 -1.73 -19.37 -14.59
N ASP A 268 -0.40 -19.31 -14.73
CA ASP A 268 0.41 -20.55 -14.76
C ASP A 268 0.17 -21.37 -13.48
N VAL A 269 0.16 -20.70 -12.33
CA VAL A 269 -0.08 -21.37 -11.06
C VAL A 269 -1.54 -21.84 -10.91
N VAL A 270 -2.46 -21.20 -11.63
CA VAL A 270 -3.83 -21.69 -11.72
C VAL A 270 -3.88 -22.97 -12.57
N ASN A 271 -3.07 -22.99 -13.63
CA ASN A 271 -2.93 -24.11 -14.58
C ASN A 271 -2.78 -25.51 -13.92
N GLU A 272 -2.14 -25.55 -12.74
CA GLU A 272 -1.77 -26.82 -12.11
C GLU A 272 -2.93 -27.57 -11.43
N GLY A 273 -3.52 -26.98 -10.40
CA GLY A 273 -4.56 -27.65 -9.59
C GLY A 273 -5.80 -28.06 -10.39
C1 0SB B . -5.50 -0.22 10.23
C2 0SB B . -6.65 -0.88 9.87
C3 0SB B . -5.05 -0.32 11.54
C4 0SB B . -7.38 -1.62 10.79
C5 0SB B . -5.76 -1.08 12.46
C6 0SB B . -6.92 -1.74 12.08
C7 0SB B . -8.56 -2.32 10.23
C11 0SB B . -10.08 -4.17 10.20
C12 0SB B . -10.69 -3.67 9.07
N13 0SB B . -10.91 -1.96 7.40
C15 0SB B . -9.87 0.28 7.25
C17 0SB B . -9.75 1.46 6.52
C18 0SB B . -11.29 0.66 4.90
C19 0SB B . -10.45 1.64 5.35
C27 0SB B . -2.64 1.09 8.05
F23 0SB B . -7.71 2.45 6.22
C20 0SB B . -8.83 2.56 6.96
F21 0SB B . -9.40 3.76 6.70
F22 0SB B . -8.51 2.50 8.29
N16 0SB B . -11.43 -0.52 5.61
C14 0SB B . -10.72 -0.72 6.79
C10 0SB B . -10.23 -2.49 8.51
N8 0SB B . -9.17 -1.84 9.08
C9 0SB B . -9.01 -3.51 10.79
N24 0SB B . -4.81 0.52 9.22
C26 0SB B . -5.51 1.26 8.15
C28 0SB B . -4.76 1.07 6.83
N29 0SB B . -3.44 1.68 6.96
C25 0SB B . -3.41 1.03 9.38
S SO4 C . 5.99 15.20 2.26
O1 SO4 C . 5.88 16.59 2.68
O2 SO4 C . 7.13 14.58 2.93
O3 SO4 C . 4.76 14.47 2.61
O4 SO4 C . 6.19 15.15 0.82
#